data_4XJ4
#
_entry.id   4XJ4
#
_cell.length_a   118.090
_cell.length_b   51.300
_cell.length_c   71.540
_cell.angle_alpha   90.00
_cell.angle_beta   93.85
_cell.angle_gamma   90.00
#
_symmetry.space_group_name_H-M   'C 1 2 1'
#
loop_
_entity.id
_entity.type
_entity.pdbx_description
1 polymer 'Cyclic AMP-GMP synthase'
2 non-polymer 1,2-ETHANEDIOL
3 non-polymer "3'-DEOXYADENOSINE-5'-TRIPHOSPHATE"
4 non-polymer 'MAGNESIUM ION'
5 water water
#
_entity_poly.entity_id   1
_entity_poly.type   'polypeptide(L)'
_entity_poly.pdbx_seq_one_letter_code
;MRMTWNFHQYYTNRNDGLMGKLVLTDEEKNNLKALRKIIRLRTRDVFEEAKGIAKAVKKSALTFEIIQEKVSTTQIKHLS
DSEQREVAKLIYEMDDDARDEFLGLTPRFWTQGSFQYDTLNRPFQPGQEMDIDDGTYMPMPIFESEPKIGHSLLILLVDA
SLKSLVAENHGWKFEAKQTCGRIKIEAEKTHIDVPMYAIPKDEFQKKQIALEANRGSGSENVNLALREGDRKWINSDPKI
VEDWFNDSCIRIGKHLRKVCRFMKAWRDAQWDVGGPSSISLMAATVNILDSVAHDASDLGETMKIIAKHLPSEFARGVES
PDSTDEKPLFPPSYKHGPREMDIMSKLERLPEILSSAESADSKSEALKKINMAFGNRVTNSELIVLAKA
;
_entity_poly.pdbx_strand_id   A
#
loop_
_chem_comp.id
_chem_comp.type
_chem_comp.name
_chem_comp.formula
3AT non-polymer 3'-DEOXYADENOSINE-5'-TRIPHOSPHATE 'C10 H16 N5 O12 P3'
EDO non-polymer 1,2-ETHANEDIOL 'C2 H6 O2'
MG non-polymer 'MAGNESIUM ION' 'Mg 2'
#
# COMPACT_ATOMS: atom_id res chain seq x y z
N ARG A 2 28.04 -25.67 21.28
CA ARG A 2 27.25 -24.48 20.94
C ARG A 2 26.90 -24.41 19.45
N MET A 3 26.59 -25.56 18.87
CA MET A 3 26.27 -25.57 17.43
C MET A 3 24.88 -25.02 17.19
N THR A 4 24.72 -24.35 16.05
N THR A 4 24.74 -24.32 16.07
CA THR A 4 23.46 -23.72 15.68
CA THR A 4 23.48 -23.77 15.62
C THR A 4 23.34 -23.64 14.15
C THR A 4 23.33 -23.98 14.12
N TRP A 5 22.12 -23.71 13.62
CA TRP A 5 21.95 -23.54 12.18
C TRP A 5 21.91 -22.06 11.89
N ASN A 6 22.66 -21.64 10.86
CA ASN A 6 22.66 -20.25 10.41
C ASN A 6 21.80 -20.10 9.17
N PHE A 7 20.96 -19.06 9.18
CA PHE A 7 19.99 -18.82 8.11
C PHE A 7 20.24 -17.58 7.28
N HIS A 8 21.41 -16.98 7.41
CA HIS A 8 21.65 -15.73 6.69
C HIS A 8 21.45 -15.89 5.17
N GLN A 9 21.91 -16.98 4.57
CA GLN A 9 21.70 -17.14 3.12
C GLN A 9 20.27 -17.55 2.85
N TYR A 10 19.67 -18.32 3.75
CA TYR A 10 18.23 -18.63 3.63
C TYR A 10 17.41 -17.36 3.42
N TYR A 11 17.73 -16.32 4.19
CA TYR A 11 17.03 -15.04 4.09
C TYR A 11 17.46 -14.21 2.89
N THR A 12 18.79 -14.07 2.72
CA THR A 12 19.29 -13.04 1.81
C THR A 12 19.58 -13.46 0.38
N ASN A 13 19.70 -14.78 0.13
CA ASN A 13 20.15 -15.24 -1.19
C ASN A 13 19.22 -14.82 -2.32
N ARG A 14 19.77 -14.11 -3.31
N ARG A 14 19.78 -14.11 -3.30
CA ARG A 14 18.92 -13.56 -4.36
CA ARG A 14 18.98 -13.53 -4.37
C ARG A 14 18.66 -14.54 -5.49
C ARG A 14 18.66 -14.53 -5.48
N ASN A 15 19.33 -15.69 -5.46
CA ASN A 15 19.00 -16.75 -6.41
C ASN A 15 17.71 -17.45 -5.93
N ASP A 16 17.78 -18.09 -4.78
CA ASP A 16 16.68 -18.93 -4.33
C ASP A 16 16.48 -18.91 -2.80
N GLY A 17 17.02 -17.89 -2.13
CA GLY A 17 16.67 -17.58 -0.77
C GLY A 17 15.39 -16.76 -0.70
N LEU A 18 15.01 -16.31 0.49
CA LEU A 18 13.73 -15.60 0.61
C LEU A 18 13.75 -14.30 -0.20
N MET A 19 14.86 -13.55 -0.24
CA MET A 19 14.91 -12.36 -1.10
C MET A 19 14.67 -12.74 -2.56
N GLY A 20 15.27 -13.85 -2.99
CA GLY A 20 15.04 -14.37 -4.33
C GLY A 20 13.59 -14.69 -4.64
N LYS A 21 12.85 -15.17 -3.63
CA LYS A 21 11.45 -15.55 -3.80
C LYS A 21 10.50 -14.35 -3.69
N LEU A 22 10.91 -13.30 -2.98
CA LEU A 22 10.04 -12.14 -2.72
C LEU A 22 10.15 -11.01 -3.72
N VAL A 23 11.35 -10.75 -4.23
CA VAL A 23 11.55 -9.59 -5.08
C VAL A 23 10.93 -9.82 -6.44
N LEU A 24 10.17 -8.84 -6.93
CA LEU A 24 9.62 -8.93 -8.27
C LEU A 24 10.68 -8.99 -9.34
N THR A 25 10.41 -9.70 -10.41
CA THR A 25 11.30 -9.67 -11.54
C THR A 25 11.21 -8.31 -12.22
N ASP A 26 12.19 -7.97 -13.04
CA ASP A 26 12.14 -6.71 -13.78
C ASP A 26 10.88 -6.64 -14.66
N GLU A 27 10.47 -7.78 -15.20
CA GLU A 27 9.28 -7.85 -16.07
C GLU A 27 8.03 -7.51 -15.28
N GLU A 28 7.93 -8.09 -14.08
CA GLU A 28 6.81 -7.81 -13.20
C GLU A 28 6.77 -6.35 -12.80
N LYS A 29 7.94 -5.80 -12.46
CA LYS A 29 8.01 -4.39 -12.11
C LYS A 29 7.59 -3.56 -13.31
N ASN A 30 8.04 -3.94 -14.51
CA ASN A 30 7.69 -3.17 -15.70
C ASN A 30 6.22 -3.29 -16.00
N ASN A 31 5.64 -4.45 -15.72
CA ASN A 31 4.20 -4.57 -15.92
C ASN A 31 3.42 -3.64 -14.98
N LEU A 32 3.89 -3.49 -13.74
CA LEU A 32 3.19 -2.61 -12.80
C LEU A 32 3.32 -1.16 -13.25
N LYS A 33 4.48 -0.80 -13.78
CA LYS A 33 4.72 0.57 -14.22
C LYS A 33 3.86 0.86 -15.44
N ALA A 34 3.66 -0.15 -16.27
CA ALA A 34 2.81 -0.01 -17.46
C ALA A 34 1.35 0.18 -17.04
N LEU A 35 0.92 -0.58 -16.04
CA LEU A 35 -0.43 -0.45 -15.48
C LEU A 35 -0.64 0.96 -14.91
N ARG A 36 0.34 1.44 -14.16
CA ARG A 36 0.30 2.77 -13.57
C ARG A 36 0.14 3.83 -14.65
N LYS A 37 0.90 3.69 -15.72
CA LYS A 37 0.82 4.68 -16.78
C LYS A 37 -0.56 4.68 -17.43
N ILE A 38 -1.12 3.51 -17.64
CA ILE A 38 -2.47 3.39 -18.22
C ILE A 38 -3.51 4.16 -17.41
N ILE A 39 -3.42 4.03 -16.10
CA ILE A 39 -4.38 4.67 -15.20
C ILE A 39 -4.15 6.17 -15.22
N ARG A 40 -2.89 6.58 -15.17
CA ARG A 40 -2.57 8.00 -15.15
C ARG A 40 -3.06 8.69 -16.41
N LEU A 41 -2.81 8.08 -17.57
CA LEU A 41 -3.24 8.70 -18.82
C LEU A 41 -4.77 8.82 -18.89
N ARG A 42 -5.48 7.81 -18.41
CA ARG A 42 -6.95 7.86 -18.50
C ARG A 42 -7.50 8.91 -17.55
N THR A 43 -6.93 9.02 -16.35
CA THR A 43 -7.39 10.02 -15.39
C THR A 43 -7.14 11.41 -15.98
N ARG A 44 -5.96 11.62 -16.56
CA ARG A 44 -5.67 12.87 -17.24
C ARG A 44 -6.74 13.18 -18.29
N ASP A 45 -7.07 12.17 -19.11
CA ASP A 45 -8.03 12.32 -20.21
C ASP A 45 -9.42 12.66 -19.71
N VAL A 46 -9.86 11.98 -18.66
CA VAL A 46 -11.23 12.21 -18.15
C VAL A 46 -11.38 13.64 -17.64
N PHE A 47 -10.37 14.14 -16.94
CA PHE A 47 -10.37 15.51 -16.48
C PHE A 47 -10.34 16.49 -17.63
N GLU A 48 -9.58 16.20 -18.70
CA GLU A 48 -9.58 17.10 -19.87
C GLU A 48 -10.96 17.09 -20.50
N GLU A 49 -11.60 15.93 -20.54
CA GLU A 49 -12.96 15.84 -21.14
C GLU A 49 -13.99 16.64 -20.35
N ALA A 50 -13.94 16.51 -19.03
CA ALA A 50 -14.89 17.20 -18.15
C ALA A 50 -14.63 18.70 -18.23
N LYS A 51 -13.36 19.09 -18.30
CA LYS A 51 -13.01 20.50 -18.43
C LYS A 51 -13.52 21.07 -19.75
N GLY A 52 -13.52 20.25 -20.80
CA GLY A 52 -14.01 20.69 -22.09
C GLY A 52 -15.48 21.06 -22.03
N ILE A 53 -16.23 20.30 -21.27
CA ILE A 53 -17.64 20.58 -21.07
C ILE A 53 -17.78 21.86 -20.26
N ALA A 54 -17.01 22.01 -19.20
CA ALA A 54 -17.07 23.20 -18.36
C ALA A 54 -16.70 24.45 -19.19
N LYS A 55 -15.75 24.28 -20.10
CA LYS A 55 -15.29 25.38 -20.97
C LYS A 55 -16.46 25.85 -21.84
N ALA A 56 -17.21 24.88 -22.34
CA ALA A 56 -18.39 25.20 -23.17
C ALA A 56 -19.44 25.97 -22.37
N VAL A 57 -19.65 25.57 -21.12
CA VAL A 57 -20.64 26.22 -20.25
C VAL A 57 -20.18 27.64 -19.85
N LYS A 58 -18.86 27.85 -19.73
CA LYS A 58 -18.31 29.19 -19.51
C LYS A 58 -18.64 30.09 -20.70
N LYS A 59 -18.59 29.50 -21.89
CA LYS A 59 -18.85 30.23 -23.14
C LYS A 59 -20.31 30.58 -23.29
N SER A 60 -21.18 29.68 -22.84
CA SER A 60 -22.62 29.83 -23.06
C SER A 60 -23.35 29.01 -22.03
N ALA A 61 -24.43 29.56 -21.44
CA ALA A 61 -25.12 28.89 -20.34
C ALA A 61 -26.03 27.78 -20.87
N LEU A 62 -25.41 26.67 -21.26
CA LEU A 62 -26.07 25.54 -21.90
C LEU A 62 -27.15 24.94 -21.02
N THR A 63 -28.17 24.36 -21.64
CA THR A 63 -29.21 23.65 -20.89
C THR A 63 -28.65 22.40 -20.24
N PHE A 64 -29.34 21.99 -19.20
CA PHE A 64 -28.97 20.79 -18.48
C PHE A 64 -28.98 19.61 -19.45
N GLU A 65 -29.95 19.57 -20.35
CA GLU A 65 -30.08 18.46 -21.28
C GLU A 65 -28.85 18.39 -22.21
N ILE A 66 -28.40 19.54 -22.69
CA ILE A 66 -27.22 19.57 -23.57
C ILE A 66 -25.95 19.19 -22.81
N ILE A 67 -25.83 19.62 -21.55
CA ILE A 67 -24.68 19.21 -20.73
C ILE A 67 -24.71 17.69 -20.55
N GLN A 68 -25.89 17.12 -20.33
CA GLN A 68 -26.00 15.67 -20.18
C GLN A 68 -25.54 14.93 -21.41
N GLU A 69 -25.93 15.45 -22.57
CA GLU A 69 -25.58 14.84 -23.85
C GLU A 69 -24.06 14.86 -24.01
N LYS A 70 -23.44 15.98 -23.66
CA LYS A 70 -21.96 16.07 -23.71
C LYS A 70 -21.31 15.07 -22.75
N VAL A 71 -21.85 14.91 -21.56
CA VAL A 71 -21.28 13.97 -20.58
C VAL A 71 -21.33 12.54 -21.16
N SER A 72 -22.41 12.23 -21.87
CA SER A 72 -22.66 10.86 -22.30
C SER A 72 -21.75 10.44 -23.45
N THR A 73 -21.03 11.40 -24.03
CA THR A 73 -20.12 11.11 -25.12
C THR A 73 -18.68 11.00 -24.63
N THR A 74 -18.47 11.18 -23.32
CA THR A 74 -17.14 11.11 -22.72
C THR A 74 -16.96 9.76 -22.03
N GLN A 75 -15.80 9.57 -21.38
CA GLN A 75 -15.58 8.36 -20.61
C GLN A 75 -16.53 8.26 -19.41
N ILE A 76 -17.15 9.39 -19.03
CA ILE A 76 -18.08 9.42 -17.90
C ILE A 76 -19.31 8.57 -18.21
N LYS A 77 -19.45 8.14 -19.45
CA LYS A 77 -20.54 7.26 -19.82
C LYS A 77 -20.48 5.88 -19.15
N HIS A 78 -19.34 5.58 -18.52
CA HIS A 78 -19.16 4.28 -17.88
C HIS A 78 -19.61 4.30 -16.41
N LEU A 79 -20.04 5.47 -15.93
CA LEU A 79 -20.73 5.55 -14.65
C LEU A 79 -22.22 5.19 -14.80
N SER A 80 -22.90 5.01 -13.67
CA SER A 80 -24.33 4.71 -13.68
C SER A 80 -25.12 5.91 -14.17
N ASP A 81 -26.39 5.68 -14.52
CA ASP A 81 -27.27 6.75 -14.98
C ASP A 81 -27.34 7.88 -13.95
N SER A 82 -27.55 7.52 -12.68
CA SER A 82 -27.69 8.56 -11.66
C SER A 82 -26.36 9.29 -11.47
N GLU A 83 -25.25 8.57 -11.60
CA GLU A 83 -23.93 9.17 -11.45
C GLU A 83 -23.65 10.16 -12.58
N GLN A 84 -24.05 9.80 -13.80
CA GLN A 84 -23.90 10.71 -14.94
C GLN A 84 -24.76 11.96 -14.75
N ARG A 85 -25.96 11.77 -14.24
CA ARG A 85 -26.84 12.90 -13.98
C ARG A 85 -26.21 13.82 -12.93
N GLU A 86 -25.58 13.22 -11.91
CA GLU A 86 -24.94 14.01 -10.87
C GLU A 86 -23.76 14.83 -11.40
N VAL A 87 -22.97 14.25 -12.28
CA VAL A 87 -21.85 14.95 -12.88
C VAL A 87 -22.39 16.13 -13.69
N ALA A 88 -23.40 15.84 -14.52
CA ALA A 88 -24.00 16.89 -15.33
C ALA A 88 -24.58 17.98 -14.45
N LYS A 89 -25.23 17.57 -13.36
CA LYS A 89 -25.82 18.52 -12.43
C LYS A 89 -24.74 19.36 -11.74
N LEU A 90 -23.64 18.73 -11.34
CA LEU A 90 -22.56 19.50 -10.71
C LEU A 90 -21.91 20.52 -11.68
N ILE A 91 -21.78 20.16 -12.94
CA ILE A 91 -21.25 21.10 -13.94
C ILE A 91 -22.25 22.23 -14.20
N TYR A 92 -23.53 21.87 -14.29
CA TYR A 92 -24.60 22.85 -14.45
C TYR A 92 -24.68 23.85 -13.28
N GLU A 93 -24.38 23.38 -12.07
CA GLU A 93 -24.54 24.17 -10.85
C GLU A 93 -23.37 25.08 -10.51
N MET A 94 -22.22 24.89 -11.15
CA MET A 94 -21.04 25.68 -10.84
C MET A 94 -21.23 27.17 -11.12
N ASP A 95 -20.83 28.01 -10.18
CA ASP A 95 -20.78 29.44 -10.46
C ASP A 95 -19.47 29.75 -11.17
N ASP A 96 -19.29 31.01 -11.57
CA ASP A 96 -18.18 31.37 -12.43
C ASP A 96 -16.83 31.08 -11.80
N ASP A 97 -16.68 31.42 -10.52
CA ASP A 97 -15.42 31.19 -9.81
C ASP A 97 -15.07 29.71 -9.67
N ALA A 98 -16.05 28.90 -9.29
CA ALA A 98 -15.88 27.47 -9.20
C ALA A 98 -15.47 26.87 -10.55
N ARG A 99 -16.12 27.34 -11.61
CA ARG A 99 -15.84 26.84 -12.95
C ARG A 99 -14.43 27.22 -13.37
N ASP A 100 -14.04 28.47 -13.10
CA ASP A 100 -12.68 28.91 -13.41
C ASP A 100 -11.62 28.09 -12.68
N GLU A 101 -11.88 27.77 -11.41
CA GLU A 101 -10.95 26.94 -10.67
C GLU A 101 -10.84 25.54 -11.29
N PHE A 102 -11.97 24.97 -11.68
CA PHE A 102 -11.98 23.64 -12.31
C PHE A 102 -11.22 23.68 -13.65
N LEU A 103 -11.39 24.75 -14.42
CA LEU A 103 -10.73 24.89 -15.71
C LEU A 103 -9.22 25.00 -15.56
N GLY A 104 -8.77 25.33 -14.35
CA GLY A 104 -7.35 25.41 -14.06
C GLY A 104 -6.77 24.14 -13.48
N LEU A 105 -7.61 23.13 -13.25
CA LEU A 105 -7.17 21.93 -12.54
C LEU A 105 -6.58 20.87 -13.48
N THR A 106 -5.34 20.49 -13.23
CA THR A 106 -4.76 19.34 -13.88
C THR A 106 -4.22 18.38 -12.84
N PRO A 107 -4.79 17.18 -12.78
CA PRO A 107 -4.33 16.24 -11.75
C PRO A 107 -2.87 15.85 -11.92
N ARG A 108 -2.22 15.59 -10.79
CA ARG A 108 -0.84 15.15 -10.77
C ARG A 108 -0.79 13.76 -10.11
N PHE A 109 0.36 13.09 -10.18
CA PHE A 109 0.41 11.71 -9.70
C PHE A 109 1.69 11.43 -8.94
N TRP A 110 1.58 10.61 -7.90
CA TRP A 110 2.74 10.17 -7.16
C TRP A 110 2.49 8.81 -6.54
N THR A 111 3.41 7.88 -6.78
CA THR A 111 3.31 6.55 -6.18
C THR A 111 3.71 6.54 -4.70
N GLN A 112 2.96 5.80 -3.88
CA GLN A 112 3.23 5.66 -2.45
C GLN A 112 3.35 4.19 -2.18
N GLY A 113 3.65 3.83 -0.93
CA GLY A 113 3.61 2.43 -0.57
C GLY A 113 4.80 1.63 -1.04
N SER A 114 4.68 0.30 -1.00
CA SER A 114 5.83 -0.55 -1.14
C SER A 114 6.43 -0.51 -2.55
N PHE A 115 5.69 -0.10 -3.56
CA PHE A 115 6.35 0.05 -4.86
C PHE A 115 7.32 1.23 -4.82
N GLN A 116 6.95 2.27 -4.07
CA GLN A 116 7.77 3.47 -3.97
C GLN A 116 9.03 3.27 -3.14
N TYR A 117 8.94 2.66 -1.97
CA TYR A 117 10.17 2.48 -1.22
C TYR A 117 10.69 1.02 -1.22
N ASP A 118 10.29 0.29 -2.26
CA ASP A 118 10.94 -0.97 -2.65
C ASP A 118 10.86 -2.08 -1.61
N THR A 119 9.64 -2.38 -1.19
CA THR A 119 9.42 -3.49 -0.25
C THR A 119 8.25 -4.33 -0.74
N LEU A 120 7.97 -4.27 -2.04
CA LEU A 120 6.80 -5.00 -2.58
C LEU A 120 7.16 -6.47 -2.83
N ASN A 121 6.47 -7.36 -2.11
CA ASN A 121 6.70 -8.81 -2.24
C ASN A 121 5.81 -9.47 -3.27
N ARG A 122 6.35 -10.49 -3.95
CA ARG A 122 5.52 -11.40 -4.72
C ARG A 122 4.51 -12.03 -3.76
N PRO A 123 3.25 -12.10 -4.16
CA PRO A 123 2.23 -12.70 -3.28
C PRO A 123 2.41 -14.21 -3.11
N PHE A 124 1.83 -14.75 -2.05
CA PHE A 124 2.11 -16.12 -1.66
C PHE A 124 0.91 -17.05 -1.84
N GLN A 125 -0.16 -16.82 -1.08
CA GLN A 125 -1.30 -17.74 -1.10
C GLN A 125 -2.24 -17.41 -2.25
N PRO A 126 -2.96 -18.41 -2.76
CA PRO A 126 -3.95 -18.14 -3.80
C PRO A 126 -4.94 -17.12 -3.27
N GLY A 127 -5.22 -16.11 -4.07
CA GLY A 127 -6.12 -15.07 -3.65
C GLY A 127 -5.36 -13.82 -3.26
N GLN A 128 -4.11 -13.98 -2.80
CA GLN A 128 -3.33 -12.82 -2.42
C GLN A 128 -2.79 -12.11 -3.67
N GLU A 129 -2.75 -10.80 -3.60
CA GLU A 129 -2.38 -9.97 -4.74
C GLU A 129 -1.32 -8.97 -4.37
N MET A 130 -0.48 -8.59 -5.33
CA MET A 130 0.43 -7.49 -5.11
C MET A 130 -0.23 -6.21 -5.59
N ASP A 131 0.09 -5.10 -4.96
CA ASP A 131 -0.47 -3.86 -5.50
C ASP A 131 0.50 -2.73 -5.59
N ILE A 132 0.10 -1.78 -6.44
CA ILE A 132 0.83 -0.54 -6.59
C ILE A 132 -0.16 0.54 -6.20
N ASP A 133 0.28 1.41 -5.30
CA ASP A 133 -0.55 2.48 -4.77
C ASP A 133 -0.18 3.78 -5.45
N ASP A 134 -1.02 4.25 -6.36
CA ASP A 134 -0.68 5.46 -7.11
C ASP A 134 -1.65 6.60 -6.80
N GLY A 135 -1.18 7.61 -6.05
CA GLY A 135 -2.08 8.68 -5.65
C GLY A 135 -2.29 9.73 -6.75
N THR A 136 -3.52 10.21 -6.83
CA THR A 136 -3.88 11.31 -7.72
C THR A 136 -4.09 12.55 -6.86
N TYR A 137 -3.49 13.64 -7.30
CA TYR A 137 -3.41 14.88 -6.54
C TYR A 137 -4.09 15.99 -7.30
N MET A 138 -5.00 16.67 -6.62
CA MET A 138 -5.76 17.80 -7.19
C MET A 138 -5.30 19.12 -6.62
N PRO A 139 -4.43 19.85 -7.35
CA PRO A 139 -3.98 21.14 -6.83
C PRO A 139 -5.09 22.17 -6.89
N MET A 140 -5.44 22.76 -5.76
CA MET A 140 -6.52 23.74 -5.70
C MET A 140 -6.27 24.69 -4.52
N PRO A 141 -7.04 25.79 -4.42
CA PRO A 141 -6.82 26.70 -3.29
C PRO A 141 -6.90 25.97 -1.95
N ILE A 142 -6.25 26.51 -0.92
CA ILE A 142 -6.35 25.94 0.42
C ILE A 142 -7.75 26.13 0.97
N PHE A 143 -8.33 25.06 1.52
CA PHE A 143 -9.67 25.13 2.08
C PHE A 143 -9.72 24.55 3.49
N GLU A 144 -10.63 25.07 4.30
CA GLU A 144 -10.80 24.59 5.66
C GLU A 144 -11.69 23.36 5.68
N SER A 145 -12.88 23.48 5.10
CA SER A 145 -13.87 22.42 5.16
C SER A 145 -14.14 21.80 3.78
N GLU A 146 -14.52 22.62 2.81
CA GLU A 146 -14.83 22.10 1.48
C GLU A 146 -14.08 22.85 0.39
N PRO A 147 -13.55 22.11 -0.59
CA PRO A 147 -12.78 22.69 -1.70
C PRO A 147 -13.68 23.44 -2.68
N LYS A 148 -13.09 24.35 -3.44
CA LYS A 148 -13.83 25.18 -4.37
C LYS A 148 -14.03 24.49 -5.72
N ILE A 149 -13.98 23.17 -5.72
CA ILE A 149 -14.28 22.39 -6.92
C ILE A 149 -15.31 21.31 -6.59
N GLY A 150 -15.18 20.73 -5.41
CA GLY A 150 -16.12 19.73 -4.95
C GLY A 150 -15.60 18.31 -4.79
N HIS A 151 -15.66 17.83 -3.56
CA HIS A 151 -15.36 16.44 -3.24
C HIS A 151 -16.14 15.45 -4.12
N SER A 152 -17.45 15.67 -4.24
CA SER A 152 -18.30 14.77 -5.02
C SER A 152 -17.86 14.66 -6.48
N LEU A 153 -17.62 15.81 -7.12
CA LEU A 153 -17.22 15.79 -8.53
C LEU A 153 -15.86 15.12 -8.75
N LEU A 154 -14.90 15.42 -7.89
CA LEU A 154 -13.56 14.86 -8.00
C LEU A 154 -13.60 13.33 -7.93
N ILE A 155 -14.37 12.80 -6.96
CA ILE A 155 -14.47 11.36 -6.81
C ILE A 155 -15.21 10.71 -8.00
N LEU A 156 -16.28 11.32 -8.46
CA LEU A 156 -17.00 10.83 -9.63
C LEU A 156 -16.06 10.76 -10.85
N LEU A 157 -15.21 11.77 -11.03
CA LEU A 157 -14.33 11.77 -12.21
C LEU A 157 -13.19 10.73 -12.11
N VAL A 158 -12.59 10.56 -10.94
CA VAL A 158 -11.63 9.48 -10.77
C VAL A 158 -12.31 8.11 -10.93
N ASP A 159 -13.51 7.95 -10.37
CA ASP A 159 -14.28 6.72 -10.59
C ASP A 159 -14.55 6.48 -12.09
N ALA A 160 -14.86 7.54 -12.81
CA ALA A 160 -15.15 7.43 -14.25
C ALA A 160 -13.92 6.91 -14.96
N SER A 161 -12.78 7.47 -14.60
CA SER A 161 -11.51 7.00 -15.14
C SER A 161 -11.31 5.49 -14.94
N LEU A 162 -11.39 5.04 -13.69
CA LEU A 162 -11.13 3.63 -13.41
C LEU A 162 -12.20 2.71 -14.00
N LYS A 163 -13.46 3.15 -13.96
CA LYS A 163 -14.53 2.33 -14.48
C LYS A 163 -14.45 2.25 -15.99
N SER A 164 -13.97 3.31 -16.64
CA SER A 164 -13.87 3.28 -18.09
C SER A 164 -12.79 2.26 -18.50
N LEU A 165 -11.76 2.14 -17.69
CA LEU A 165 -10.71 1.16 -17.98
C LEU A 165 -11.20 -0.27 -17.74
N VAL A 166 -11.94 -0.45 -16.66
CA VAL A 166 -12.52 -1.76 -16.34
C VAL A 166 -13.46 -2.20 -17.47
N ALA A 167 -14.20 -1.25 -18.02
CA ALA A 167 -15.13 -1.61 -19.09
C ALA A 167 -14.40 -2.07 -20.35
N GLU A 168 -13.18 -1.59 -20.53
CA GLU A 168 -12.46 -1.84 -21.78
C GLU A 168 -11.55 -3.05 -21.70
N ASN A 169 -11.27 -3.51 -20.49
CA ASN A 169 -10.32 -4.60 -20.30
C ASN A 169 -10.95 -5.82 -19.64
N HIS A 170 -10.97 -6.92 -20.38
CA HIS A 170 -11.49 -8.16 -19.84
C HIS A 170 -10.62 -8.63 -18.69
N GLY A 171 -11.25 -9.04 -17.60
CA GLY A 171 -10.52 -9.55 -16.45
C GLY A 171 -10.13 -8.44 -15.48
N TRP A 172 -10.55 -7.22 -15.77
CA TRP A 172 -10.35 -6.10 -14.83
C TRP A 172 -11.65 -5.83 -14.09
N LYS A 173 -11.55 -5.51 -12.81
CA LYS A 173 -12.75 -5.24 -12.01
C LYS A 173 -12.55 -4.04 -11.09
N PHE A 174 -13.60 -3.26 -10.89
CA PHE A 174 -13.50 -2.07 -10.04
C PHE A 174 -13.97 -2.36 -8.65
N GLU A 175 -13.30 -1.77 -7.66
CA GLU A 175 -13.75 -1.89 -6.29
C GLU A 175 -13.57 -0.54 -5.59
N ALA A 176 -14.63 -0.09 -4.94
CA ALA A 176 -14.57 1.13 -4.16
C ALA A 176 -14.15 0.80 -2.72
N LYS A 177 -13.20 1.58 -2.19
CA LYS A 177 -12.75 1.44 -0.83
C LYS A 177 -12.90 2.78 -0.14
N GLN A 178 -12.78 2.80 1.20
CA GLN A 178 -12.92 4.06 1.90
C GLN A 178 -11.88 5.08 1.48
N THR A 179 -10.65 4.64 1.19
CA THR A 179 -9.58 5.60 0.91
C THR A 179 -9.12 5.61 -0.54
N CYS A 180 -9.73 4.78 -1.39
CA CYS A 180 -9.27 4.72 -2.79
C CYS A 180 -10.27 4.04 -3.69
N GLY A 181 -10.11 4.25 -4.99
CA GLY A 181 -10.71 3.41 -6.00
C GLY A 181 -9.67 2.36 -6.34
N ARG A 182 -10.11 1.16 -6.69
CA ARG A 182 -9.19 0.06 -6.98
C ARG A 182 -9.56 -0.64 -8.28
N ILE A 183 -8.57 -0.95 -9.10
CA ILE A 183 -8.76 -1.87 -10.20
C ILE A 183 -8.07 -3.18 -9.83
N LYS A 184 -8.82 -4.27 -9.85
CA LYS A 184 -8.31 -5.60 -9.56
C LYS A 184 -8.18 -6.40 -10.86
N ILE A 185 -7.02 -7.02 -11.04
CA ILE A 185 -6.76 -7.88 -12.19
C ILE A 185 -6.40 -9.26 -11.66
N GLU A 186 -7.42 -10.08 -11.42
CA GLU A 186 -7.25 -11.36 -10.72
C GLU A 186 -6.23 -12.27 -11.39
N ALA A 187 -6.31 -12.39 -12.71
CA ALA A 187 -5.46 -13.33 -13.43
C ALA A 187 -3.99 -12.93 -13.39
N GLU A 188 -3.74 -11.67 -13.08
CA GLU A 188 -2.38 -11.17 -12.95
C GLU A 188 -1.96 -11.01 -11.49
N LYS A 189 -2.81 -11.48 -10.57
CA LYS A 189 -2.55 -11.36 -9.12
C LYS A 189 -2.15 -9.93 -8.72
N THR A 190 -2.83 -8.96 -9.30
CA THR A 190 -2.43 -7.57 -9.19
C THR A 190 -3.61 -6.66 -8.96
N HIS A 191 -3.48 -5.65 -8.10
CA HIS A 191 -4.41 -4.54 -8.21
C HIS A 191 -3.68 -3.20 -8.12
N ILE A 192 -4.35 -2.15 -8.59
CA ILE A 192 -3.81 -0.81 -8.45
C ILE A 192 -4.80 0.00 -7.63
N ASP A 193 -4.27 0.60 -6.57
CA ASP A 193 -5.08 1.48 -5.71
C ASP A 193 -4.84 2.94 -6.01
N VAL A 194 -5.93 3.69 -6.11
CA VAL A 194 -5.85 5.12 -6.44
C VAL A 194 -6.49 5.99 -5.36
N PRO A 195 -5.71 6.34 -4.33
CA PRO A 195 -6.15 7.36 -3.37
C PRO A 195 -6.15 8.72 -4.01
N MET A 196 -6.99 9.63 -3.53
CA MET A 196 -7.11 10.95 -4.16
C MET A 196 -6.86 12.01 -3.10
N TYR A 197 -6.03 13.00 -3.44
CA TYR A 197 -5.66 14.03 -2.48
C TYR A 197 -5.97 15.41 -3.01
N ALA A 198 -6.36 16.33 -2.13
CA ALA A 198 -6.30 17.75 -2.44
C ALA A 198 -5.02 18.35 -1.88
N ILE A 199 -4.37 19.20 -2.67
CA ILE A 199 -3.12 19.86 -2.24
C ILE A 199 -3.16 21.32 -2.68
N PRO A 200 -2.29 22.17 -2.11
CA PRO A 200 -2.30 23.57 -2.55
C PRO A 200 -1.83 23.77 -3.99
N LYS A 201 -2.20 24.91 -4.58
CA LYS A 201 -1.93 25.14 -6.00
C LYS A 201 -0.47 25.33 -6.38
N ASP A 202 0.40 25.45 -5.37
CA ASP A 202 1.85 25.53 -5.58
C ASP A 202 2.28 26.82 -6.29
N SER A 219 2.89 19.92 4.80
CA SER A 219 2.13 18.68 4.96
C SER A 219 0.72 18.93 5.48
N GLU A 220 0.56 20.01 6.23
CA GLU A 220 -0.72 20.33 6.86
C GLU A 220 -1.87 20.49 5.86
N ASN A 221 -1.55 20.76 4.60
CA ASN A 221 -2.60 20.97 3.62
C ASN A 221 -2.70 19.87 2.59
N VAL A 222 -2.16 18.68 2.91
CA VAL A 222 -2.33 17.53 2.05
C VAL A 222 -3.51 16.71 2.57
N ASN A 223 -4.59 16.70 1.80
CA ASN A 223 -5.86 16.13 2.28
C ASN A 223 -6.31 14.93 1.48
N LEU A 224 -6.39 13.79 2.16
CA LEU A 224 -6.88 12.55 1.58
C LEU A 224 -8.40 12.55 1.55
N ALA A 225 -8.95 12.26 0.37
CA ALA A 225 -10.40 12.13 0.24
C ALA A 225 -10.91 10.78 0.76
N LEU A 226 -11.98 10.82 1.57
CA LEU A 226 -12.63 9.64 2.11
C LEU A 226 -13.97 9.43 1.42
N ARG A 227 -14.29 8.18 1.10
CA ARG A 227 -15.43 7.89 0.25
C ARG A 227 -16.77 8.00 0.98
N GLU A 228 -16.89 7.41 2.17
CA GLU A 228 -18.17 7.51 2.88
C GLU A 228 -17.99 7.99 4.33
N GLY A 229 -19.02 8.61 4.87
CA GLY A 229 -19.07 8.91 6.28
C GLY A 229 -19.09 10.36 6.71
N ASP A 230 -18.68 10.55 7.97
CA ASP A 230 -18.61 11.86 8.63
C ASP A 230 -17.73 12.86 7.88
N ARG A 231 -16.46 12.51 7.73
CA ARG A 231 -15.48 13.41 7.18
C ARG A 231 -15.24 13.09 5.72
N LYS A 232 -15.34 14.09 4.86
CA LYS A 232 -14.99 13.89 3.46
C LYS A 232 -13.48 13.94 3.25
N TRP A 233 -12.75 14.55 4.18
CA TRP A 233 -11.29 14.69 4.05
C TRP A 233 -10.56 14.43 5.36
N ILE A 234 -9.34 13.89 5.29
CA ILE A 234 -8.46 13.89 6.46
C ILE A 234 -7.06 14.33 6.04
N ASN A 235 -6.38 15.05 6.93
CA ASN A 235 -5.02 15.49 6.66
C ASN A 235 -4.07 14.32 6.81
N SER A 236 -3.63 13.80 5.68
CA SER A 236 -2.73 12.65 5.66
C SER A 236 -1.78 12.74 4.48
N ASP A 237 -0.57 13.25 4.71
CA ASP A 237 0.42 13.39 3.66
C ASP A 237 1.24 12.11 3.57
N PRO A 238 1.10 11.36 2.45
CA PRO A 238 1.84 10.10 2.33
C PRO A 238 3.35 10.31 2.27
N LYS A 239 3.81 11.51 1.95
CA LYS A 239 5.25 11.78 1.93
C LYS A 239 5.89 11.75 3.34
N ILE A 240 5.10 11.98 4.38
CA ILE A 240 5.61 11.85 5.73
C ILE A 240 6.13 10.42 5.94
N VAL A 241 5.36 9.43 5.49
CA VAL A 241 5.77 8.02 5.65
C VAL A 241 6.93 7.69 4.75
N GLU A 242 6.87 8.17 3.51
CA GLU A 242 7.94 7.91 2.55
C GLU A 242 9.27 8.46 3.09
N ASP A 243 9.24 9.69 3.61
CA ASP A 243 10.48 10.33 4.07
C ASP A 243 10.94 9.64 5.35
N TRP A 244 10.00 9.34 6.25
CA TRP A 244 10.37 8.64 7.46
C TRP A 244 11.04 7.29 7.16
N PHE A 245 10.49 6.56 6.21
CA PHE A 245 11.06 5.23 5.95
C PHE A 245 12.40 5.35 5.23
N ASN A 246 12.51 6.24 4.25
CA ASN A 246 13.82 6.39 3.60
C ASN A 246 14.90 6.85 4.57
N ASP A 247 14.57 7.79 5.44
CA ASP A 247 15.50 8.22 6.49
C ASP A 247 15.86 7.07 7.41
N SER A 248 14.87 6.23 7.74
CA SER A 248 15.12 5.08 8.57
C SER A 248 16.06 4.10 7.90
N CYS A 249 15.89 3.84 6.61
CA CYS A 249 16.84 2.97 5.90
C CYS A 249 18.24 3.55 5.94
N ILE A 250 18.39 4.86 5.79
CA ILE A 250 19.73 5.45 5.84
C ILE A 250 20.35 5.32 7.22
N ARG A 251 19.51 5.49 8.24
CA ARG A 251 19.97 5.52 9.62
C ARG A 251 20.32 4.12 10.09
N ILE A 252 19.46 3.16 9.79
CA ILE A 252 19.66 1.82 10.28
C ILE A 252 20.58 1.00 9.37
N GLY A 253 20.33 1.10 8.07
CA GLY A 253 21.14 0.37 7.10
C GLY A 253 20.33 -0.39 6.08
N LYS A 254 21.04 -1.00 5.13
CA LYS A 254 20.44 -1.67 3.98
C LYS A 254 19.60 -2.88 4.38
N HIS A 255 19.76 -3.35 5.60
CA HIS A 255 19.02 -4.54 6.00
C HIS A 255 17.62 -4.19 6.41
N LEU A 256 17.32 -2.92 6.63
CA LEU A 256 15.95 -2.60 7.07
C LEU A 256 14.91 -3.00 6.02
N ARG A 257 15.17 -2.70 4.76
CA ARG A 257 14.22 -3.11 3.71
C ARG A 257 14.05 -4.61 3.68
N LYS A 258 15.14 -5.34 3.91
CA LYS A 258 15.08 -6.80 3.86
C LYS A 258 14.21 -7.35 4.99
N VAL A 259 14.48 -6.93 6.23
CA VAL A 259 13.69 -7.46 7.34
C VAL A 259 12.22 -7.01 7.26
N CYS A 260 11.96 -5.85 6.67
CA CYS A 260 10.57 -5.46 6.47
C CYS A 260 9.88 -6.38 5.48
N ARG A 261 10.57 -6.71 4.39
CA ARG A 261 10.06 -7.74 3.46
C ARG A 261 9.80 -9.07 4.17
N PHE A 262 10.73 -9.48 5.03
CA PHE A 262 10.57 -10.78 5.67
C PHE A 262 9.38 -10.78 6.61
N MET A 263 9.17 -9.69 7.35
CA MET A 263 8.00 -9.64 8.27
C MET A 263 6.69 -9.63 7.46
N LYS A 264 6.66 -8.96 6.31
CA LYS A 264 5.47 -9.02 5.47
C LYS A 264 5.27 -10.42 4.88
N ALA A 265 6.36 -11.11 4.52
CA ALA A 265 6.23 -12.49 4.04
C ALA A 265 5.69 -13.41 5.15
N TRP A 266 6.14 -13.21 6.39
CA TRP A 266 5.58 -13.95 7.50
C TRP A 266 4.07 -13.72 7.59
N ARG A 267 3.68 -12.45 7.50
CA ARG A 267 2.26 -12.09 7.61
C ARG A 267 1.44 -12.78 6.50
N ASP A 268 1.94 -12.76 5.26
CA ASP A 268 1.26 -13.42 4.15
C ASP A 268 1.15 -14.94 4.32
N ALA A 269 2.13 -15.53 5.00
CA ALA A 269 2.10 -16.96 5.24
C ALA A 269 1.20 -17.33 6.39
N GLN A 270 1.09 -16.45 7.40
CA GLN A 270 0.26 -16.79 8.56
C GLN A 270 -1.22 -16.56 8.34
N TRP A 271 -1.53 -15.56 7.52
CA TRP A 271 -2.93 -15.22 7.20
C TRP A 271 -3.22 -15.21 5.70
N ASP A 272 -4.25 -15.96 5.27
CA ASP A 272 -4.71 -15.90 3.88
C ASP A 272 -5.24 -14.48 3.64
N VAL A 273 -6.12 -14.07 4.55
CA VAL A 273 -6.76 -12.77 4.59
C VAL A 273 -6.54 -12.24 5.99
N GLY A 274 -6.05 -11.02 6.10
CA GLY A 274 -5.89 -10.40 7.40
C GLY A 274 -4.46 -10.30 7.87
N GLY A 275 -4.29 -10.20 9.18
CA GLY A 275 -3.00 -9.92 9.76
C GLY A 275 -2.74 -8.43 9.95
N PRO A 276 -1.62 -8.10 10.61
CA PRO A 276 -1.32 -6.69 10.83
C PRO A 276 -1.00 -5.99 9.52
N SER A 277 -1.17 -4.68 9.49
CA SER A 277 -0.90 -3.91 8.28
C SER A 277 0.59 -3.87 7.99
N SER A 278 0.93 -3.69 6.72
CA SER A 278 2.33 -3.56 6.37
C SER A 278 2.98 -2.37 7.10
N ILE A 279 2.28 -1.26 7.22
CA ILE A 279 2.87 -0.06 7.82
C ILE A 279 3.06 -0.30 9.34
N SER A 280 2.19 -1.08 9.96
CA SER A 280 2.42 -1.35 11.39
C SER A 280 3.66 -2.21 11.60
N LEU A 281 3.90 -3.16 10.70
CA LEU A 281 5.10 -4.00 10.77
C LEU A 281 6.32 -3.14 10.58
N MET A 282 6.26 -2.23 9.61
CA MET A 282 7.43 -1.37 9.35
C MET A 282 7.73 -0.51 10.57
N ALA A 283 6.70 0.10 11.15
CA ALA A 283 6.87 1.05 12.25
C ALA A 283 7.46 0.33 13.45
N ALA A 284 6.92 -0.85 13.78
CA ALA A 284 7.42 -1.59 14.94
C ALA A 284 8.87 -2.06 14.70
N THR A 285 9.17 -2.51 13.48
CA THR A 285 10.52 -3.01 13.17
C THR A 285 11.55 -1.89 13.22
N VAL A 286 11.22 -0.70 12.72
CA VAL A 286 12.14 0.44 12.85
C VAL A 286 12.37 0.79 14.31
N ASN A 287 11.32 0.78 15.13
CA ASN A 287 11.52 1.09 16.54
C ASN A 287 12.48 0.10 17.21
N ILE A 288 12.32 -1.17 16.86
CA ILE A 288 13.18 -2.21 17.46
C ILE A 288 14.62 -2.05 17.00
N LEU A 289 14.82 -1.90 15.71
CA LEU A 289 16.22 -1.80 15.23
C LEU A 289 16.91 -0.49 15.67
N ASP A 290 16.12 0.55 15.92
CA ASP A 290 16.69 1.79 16.42
C ASP A 290 17.15 1.65 17.86
N SER A 291 16.51 0.74 18.60
CA SER A 291 16.76 0.71 20.03
C SER A 291 17.40 -0.57 20.58
N VAL A 292 17.58 -1.57 19.73
CA VAL A 292 18.14 -2.86 20.16
C VAL A 292 19.35 -3.27 19.31
N ALA A 293 20.45 -3.60 19.98
CA ALA A 293 21.64 -4.04 19.24
C ALA A 293 21.38 -5.26 18.36
N HIS A 294 21.97 -5.26 17.16
CA HIS A 294 21.77 -6.38 16.24
C HIS A 294 22.94 -6.38 15.26
N ASP A 295 22.98 -7.38 14.38
CA ASP A 295 24.15 -7.57 13.52
C ASP A 295 23.70 -7.90 12.12
N ALA A 296 23.94 -6.97 11.21
CA ALA A 296 23.49 -7.11 9.83
C ALA A 296 24.22 -8.26 9.09
N SER A 297 25.34 -8.72 9.62
N SER A 297 25.33 -8.71 9.64
CA SER A 297 26.02 -9.85 8.99
CA SER A 297 26.06 -9.82 9.05
C SER A 297 25.36 -11.18 9.34
C SER A 297 25.42 -11.18 9.40
N ASP A 298 24.39 -11.15 10.25
CA ASP A 298 23.58 -12.36 10.54
C ASP A 298 22.11 -11.96 10.63
N LEU A 299 21.42 -12.00 9.49
CA LEU A 299 20.06 -11.55 9.51
C LEU A 299 19.17 -12.63 10.10
N GLY A 300 19.69 -13.86 10.27
CA GLY A 300 18.90 -14.84 11.02
C GLY A 300 18.79 -14.41 12.47
N GLU A 301 19.91 -14.03 13.07
N GLU A 301 19.92 -14.03 13.06
CA GLU A 301 19.88 -13.52 14.43
CA GLU A 301 19.91 -13.52 14.42
C GLU A 301 19.08 -12.22 14.51
C GLU A 301 19.12 -12.21 14.53
N THR A 302 19.23 -11.35 13.52
CA THR A 302 18.53 -10.09 13.53
C THR A 302 17.01 -10.35 13.50
N MET A 303 16.56 -11.31 12.68
CA MET A 303 15.14 -11.65 12.67
C MET A 303 14.68 -12.21 14.00
N LYS A 304 15.54 -12.98 14.66
CA LYS A 304 15.16 -13.54 15.98
C LYS A 304 15.00 -12.38 16.99
N ILE A 305 15.90 -11.40 16.92
CA ILE A 305 15.83 -10.21 17.77
C ILE A 305 14.55 -9.40 17.51
N ILE A 306 14.21 -9.19 16.24
CA ILE A 306 12.98 -8.51 15.91
C ILE A 306 11.83 -9.32 16.46
N ALA A 307 11.84 -10.63 16.21
CA ALA A 307 10.69 -11.43 16.66
C ALA A 307 10.54 -11.43 18.17
N LYS A 308 11.65 -11.38 18.92
CA LYS A 308 11.55 -11.33 20.39
C LYS A 308 10.83 -10.05 20.89
N HIS A 309 10.98 -8.95 20.16
CA HIS A 309 10.51 -7.65 20.62
C HIS A 309 9.18 -7.19 20.02
N LEU A 310 8.73 -7.80 18.92
CA LEU A 310 7.45 -7.39 18.30
C LEU A 310 6.22 -7.51 19.22
N PRO A 311 6.12 -8.60 20.01
CA PRO A 311 4.91 -8.67 20.85
C PRO A 311 4.76 -7.46 21.76
N SER A 312 5.85 -6.97 22.37
CA SER A 312 5.74 -5.82 23.24
C SER A 312 5.37 -4.56 22.46
N GLU A 313 5.91 -4.44 21.24
CA GLU A 313 5.59 -3.28 20.40
C GLU A 313 4.11 -3.26 20.06
N PHE A 314 3.57 -4.40 19.68
CA PHE A 314 2.15 -4.47 19.29
C PHE A 314 1.22 -4.37 20.49
N ALA A 315 1.60 -4.98 21.62
CA ALA A 315 0.73 -4.95 22.79
C ALA A 315 0.48 -3.53 23.29
N ARG A 316 1.49 -2.66 23.18
CA ARG A 316 1.32 -1.29 23.66
C ARG A 316 0.62 -0.39 22.64
N GLY A 317 0.38 -0.92 21.44
CA GLY A 317 -0.17 -0.13 20.35
C GLY A 317 1.00 0.41 19.54
N VAL A 318 0.92 0.30 18.21
CA VAL A 318 1.95 0.79 17.32
C VAL A 318 1.57 2.16 16.82
N GLU A 319 2.37 3.16 17.17
CA GLU A 319 2.10 4.54 16.76
C GLU A 319 2.50 4.80 15.31
N SER A 320 1.71 5.60 14.61
CA SER A 320 2.10 6.06 13.29
C SER A 320 3.32 6.97 13.34
N PRO A 321 4.20 6.85 12.33
CA PRO A 321 5.31 7.79 12.17
C PRO A 321 4.82 9.20 11.84
N ASP A 322 3.56 9.34 11.47
CA ASP A 322 2.96 10.66 11.36
C ASP A 322 2.42 11.05 12.73
N SER A 323 3.13 11.95 13.41
CA SER A 323 2.78 12.33 14.78
C SER A 323 1.46 13.06 14.86
N THR A 324 0.97 13.58 13.73
CA THR A 324 -0.32 14.27 13.77
C THR A 324 -1.47 13.27 13.76
N ASP A 325 -1.17 12.01 13.41
CA ASP A 325 -2.17 10.94 13.41
C ASP A 325 -2.18 10.26 14.77
N GLU A 326 -3.25 10.51 15.50
CA GLU A 326 -3.42 9.92 16.82
C GLU A 326 -3.98 8.51 16.75
N LYS A 327 -4.51 8.12 15.60
CA LYS A 327 -5.02 6.76 15.50
C LYS A 327 -3.87 5.76 15.40
N PRO A 328 -3.84 4.75 16.26
CA PRO A 328 -2.69 3.83 16.15
C PRO A 328 -2.76 2.94 14.91
N LEU A 329 -1.60 2.50 14.44
CA LEU A 329 -1.52 1.57 13.32
C LEU A 329 -2.01 0.18 13.74
N PHE A 330 -1.90 -0.11 15.03
CA PHE A 330 -2.40 -1.36 15.60
C PHE A 330 -2.77 -1.00 17.02
N PRO A 331 -3.95 -1.42 17.50
CA PRO A 331 -4.39 -0.88 18.79
C PRO A 331 -3.73 -1.54 19.98
N PRO A 332 -3.73 -0.85 21.13
CA PRO A 332 -3.21 -1.38 22.40
C PRO A 332 -4.08 -2.54 22.90
N SER A 333 -3.54 -3.36 23.80
CA SER A 333 -4.17 -4.60 24.30
C SER A 333 -5.60 -4.43 24.79
N TYR A 334 -5.89 -3.28 25.39
CA TYR A 334 -7.23 -3.15 25.96
C TYR A 334 -8.32 -2.99 24.89
N LYS A 335 -7.91 -2.76 23.65
CA LYS A 335 -8.88 -2.60 22.55
C LYS A 335 -8.92 -3.81 21.65
N HIS A 336 -8.34 -4.93 22.08
CA HIS A 336 -8.28 -6.10 21.21
C HIS A 336 -9.55 -6.94 21.14
N GLY A 337 -9.93 -7.31 19.92
CA GLY A 337 -10.93 -8.34 19.66
C GLY A 337 -10.28 -9.62 19.14
N PRO A 338 -11.05 -10.55 18.59
CA PRO A 338 -10.52 -11.85 18.17
C PRO A 338 -9.36 -11.69 17.17
N ARG A 339 -9.47 -10.72 16.28
CA ARG A 339 -8.42 -10.56 15.25
C ARG A 339 -7.14 -10.07 15.86
N GLU A 340 -7.20 -9.09 16.74
CA GLU A 340 -5.97 -8.62 17.35
C GLU A 340 -5.36 -9.64 18.30
N MET A 341 -6.19 -10.36 19.02
CA MET A 341 -5.73 -11.48 19.85
C MET A 341 -5.03 -12.54 19.02
N ASP A 342 -5.57 -12.85 17.84
CA ASP A 342 -4.91 -13.81 16.93
C ASP A 342 -3.55 -13.30 16.48
N ILE A 343 -3.48 -12.01 16.18
CA ILE A 343 -2.22 -11.44 15.74
C ILE A 343 -1.19 -11.52 16.87
N MET A 344 -1.61 -11.20 18.08
CA MET A 344 -0.70 -11.32 19.24
C MET A 344 -0.22 -12.76 19.40
N SER A 345 -1.14 -13.73 19.27
CA SER A 345 -0.76 -15.15 19.40
C SER A 345 0.31 -15.53 18.37
N LYS A 346 0.13 -15.12 17.12
CA LYS A 346 1.08 -15.50 16.07
C LYS A 346 2.39 -14.74 16.29
N LEU A 347 2.32 -13.49 16.74
CA LEU A 347 3.58 -12.77 17.04
C LEU A 347 4.35 -13.50 18.15
N GLU A 348 3.64 -13.97 19.17
CA GLU A 348 4.33 -14.63 20.28
C GLU A 348 4.98 -15.94 19.81
N ARG A 349 4.34 -16.62 18.86
CA ARG A 349 4.84 -17.90 18.34
C ARG A 349 6.10 -17.71 17.50
N LEU A 350 6.21 -16.57 16.82
CA LEU A 350 7.31 -16.41 15.85
C LEU A 350 8.72 -16.61 16.46
N PRO A 351 9.08 -15.93 17.58
CA PRO A 351 10.45 -16.18 18.10
C PRO A 351 10.65 -17.64 18.51
N GLU A 352 9.57 -18.34 18.88
CA GLU A 352 9.71 -19.76 19.24
C GLU A 352 9.97 -20.62 18.00
N ILE A 353 9.33 -20.28 16.89
CA ILE A 353 9.59 -20.97 15.61
C ILE A 353 11.05 -20.78 15.26
N LEU A 354 11.51 -19.53 15.30
CA LEU A 354 12.88 -19.24 14.87
C LEU A 354 13.90 -19.94 15.74
N SER A 355 13.64 -19.95 17.05
CA SER A 355 14.55 -20.59 17.97
C SER A 355 14.60 -22.10 17.74
N SER A 356 13.45 -22.71 17.47
N SER A 356 13.46 -22.69 17.46
CA SER A 356 13.41 -24.14 17.23
CA SER A 356 13.38 -24.12 17.22
C SER A 356 14.15 -24.51 15.95
C SER A 356 14.12 -24.52 15.94
N ALA A 357 13.99 -23.68 14.92
CA ALA A 357 14.70 -23.90 13.66
C ALA A 357 16.22 -23.91 13.90
N GLU A 358 16.66 -22.94 14.71
CA GLU A 358 18.11 -22.81 15.00
C GLU A 358 18.72 -24.07 15.62
N SER A 359 17.94 -24.79 16.41
CA SER A 359 18.50 -25.93 17.11
C SER A 359 17.96 -27.26 16.60
N ALA A 360 17.43 -27.25 15.38
CA ALA A 360 16.85 -28.47 14.79
C ALA A 360 17.91 -29.55 14.65
N ASP A 361 17.46 -30.81 14.53
N ASP A 361 17.46 -30.80 14.58
CA ASP A 361 18.40 -31.93 14.49
CA ASP A 361 18.37 -31.95 14.45
C ASP A 361 18.95 -32.25 13.10
C ASP A 361 19.15 -32.03 13.15
N SER A 362 18.59 -31.45 12.10
CA SER A 362 19.12 -31.60 10.74
C SER A 362 18.77 -30.39 9.91
N LYS A 363 19.48 -30.21 8.79
CA LYS A 363 19.18 -29.11 7.90
C LYS A 363 17.76 -29.22 7.37
N SER A 364 17.33 -30.44 7.11
CA SER A 364 16.00 -30.59 6.51
C SER A 364 14.94 -30.22 7.55
N GLU A 365 15.15 -30.59 8.82
CA GLU A 365 14.19 -30.16 9.85
C GLU A 365 14.29 -28.66 10.14
N ALA A 366 15.50 -28.09 10.07
CA ALA A 366 15.67 -26.65 10.20
C ALA A 366 14.84 -25.92 9.14
N LEU A 367 14.87 -26.42 7.92
CA LEU A 367 14.13 -25.77 6.82
C LEU A 367 12.65 -25.89 7.04
N LYS A 368 12.22 -27.11 7.41
CA LYS A 368 10.80 -27.36 7.66
C LYS A 368 10.32 -26.37 8.74
N LYS A 369 11.09 -26.22 9.81
CA LYS A 369 10.62 -25.36 10.91
C LYS A 369 10.56 -23.89 10.53
N ILE A 370 11.61 -23.35 9.90
CA ILE A 370 11.61 -21.92 9.61
C ILE A 370 10.55 -21.64 8.52
N ASN A 371 10.29 -22.63 7.67
CA ASN A 371 9.18 -22.47 6.70
C ASN A 371 7.77 -22.48 7.36
N MET A 372 7.67 -22.83 8.65
CA MET A 372 6.39 -22.63 9.35
C MET A 372 6.17 -21.15 9.68
N ALA A 373 7.25 -20.35 9.64
CA ALA A 373 7.11 -18.91 9.76
C ALA A 373 6.86 -18.24 8.40
N PHE A 374 7.63 -18.60 7.37
CA PHE A 374 7.60 -17.81 6.11
C PHE A 374 6.90 -18.54 4.97
N GLY A 375 6.38 -19.73 5.24
CA GLY A 375 5.77 -20.55 4.21
C GLY A 375 6.81 -21.39 3.46
N ASN A 376 6.32 -22.35 2.69
CA ASN A 376 7.16 -23.24 1.93
C ASN A 376 7.45 -22.57 0.61
N ARG A 377 8.41 -21.66 0.64
CA ARG A 377 8.80 -20.92 -0.53
C ARG A 377 10.24 -21.24 -0.90
N VAL A 378 11.09 -21.10 0.12
CA VAL A 378 12.50 -21.53 0.00
C VAL A 378 12.52 -23.05 0.17
N THR A 379 13.11 -23.76 -0.77
CA THR A 379 13.20 -25.23 -0.73
C THR A 379 14.65 -25.75 -0.65
N ASN A 380 15.61 -24.84 -0.78
CA ASN A 380 17.02 -25.19 -0.90
C ASN A 380 17.66 -25.23 0.48
N SER A 381 17.76 -26.42 1.06
CA SER A 381 18.25 -26.51 2.45
C SER A 381 19.74 -26.25 2.56
N GLU A 382 20.46 -26.17 1.44
CA GLU A 382 21.90 -25.89 1.45
C GLU A 382 22.17 -24.38 1.71
N LEU A 383 21.11 -23.59 1.73
CA LEU A 383 21.23 -22.22 2.18
C LEU A 383 21.34 -22.12 3.69
N ILE A 384 21.12 -23.25 4.39
CA ILE A 384 21.20 -23.28 5.83
C ILE A 384 22.54 -23.93 6.14
N VAL A 385 23.38 -23.29 6.96
N VAL A 385 23.29 -23.35 7.07
CA VAL A 385 24.73 -23.88 7.18
CA VAL A 385 24.67 -23.80 7.26
C VAL A 385 24.97 -24.04 8.68
C VAL A 385 25.03 -23.98 8.72
N LEU A 386 25.76 -25.05 9.04
CA LEU A 386 26.15 -25.31 10.41
C LEU A 386 27.04 -24.20 10.89
N ALA A 387 26.76 -23.68 12.09
CA ALA A 387 27.50 -22.56 12.65
C ALA A 387 27.70 -22.72 14.15
N LYS A 388 28.40 -21.77 14.75
CA LYS A 388 28.47 -21.70 16.22
C LYS A 388 27.86 -20.39 16.65
N ALA A 389 27.21 -20.38 17.81
CA ALA A 389 26.70 -19.13 18.32
C ALA A 389 26.85 -19.09 19.83
C1 EDO B . 9.73 -3.20 -6.31
O1 EDO B . 9.77 -3.41 -4.89
C2 EDO B . 9.22 -1.79 -6.60
O2 EDO B . 10.25 -0.82 -6.35
C1 EDO C . 3.26 -21.21 6.90
O1 EDO C . 2.65 -21.37 5.61
C2 EDO C . 2.41 -21.89 7.97
O2 EDO C . 1.10 -21.31 7.98
C1 EDO D . 17.28 -17.91 12.75
O1 EDO D . 16.48 -18.57 13.71
C2 EDO D . 16.27 -17.52 11.70
O2 EDO D . 15.81 -16.24 12.06
C1 EDO E . 22.91 -28.29 14.79
O1 EDO E . 23.53 -29.20 15.71
C2 EDO E . 22.07 -27.28 15.55
O2 EDO E . 21.15 -28.00 16.37
C1 EDO F . 3.05 -8.67 25.45
O1 EDO F . 4.44 -8.44 25.20
C2 EDO F . 2.79 -10.17 25.56
O2 EDO F . 2.83 -10.75 24.25
PG 3AT G . 2.05 -3.82 0.74
O1G 3AT G . 1.01 -3.29 -0.26
O2G 3AT G . 3.32 -4.28 0.08
O3G 3AT G . 1.43 -4.81 1.70
PB 3AT G . 2.52 -0.98 1.53
O1B 3AT G . 2.20 -0.60 0.06
O2B 3AT G . 3.70 -0.37 2.20
O3B 3AT G . 2.54 -2.61 1.68
PA 3AT G . -0.24 -0.35 2.01
O1A 3AT G . -0.65 -0.90 0.65
O2A 3AT G . -1.02 -0.86 3.22
O3A 3AT G . 1.27 -0.64 2.44
O5' 3AT G . -0.21 1.26 2.11
C5' 3AT G . 0.36 2.10 1.10
C4' 3AT G . 0.68 3.51 1.66
O4' 3AT G . -0.51 4.12 2.18
C3' 3AT G . 1.68 3.53 2.80
C2' 3AT G . 1.25 4.76 3.60
O2' 3AT G . 1.82 5.94 3.02
C1' 3AT G . -0.25 4.84 3.38
N9 3AT G . -0.98 4.22 4.50
C8 3AT G . -1.60 3.02 4.58
N7 3AT G . -2.18 2.82 5.81
C5 3AT G . -1.92 3.92 6.52
C6 3AT G . -2.22 4.40 7.88
N6 3AT G . -2.94 3.61 8.72
N1 3AT G . -1.75 5.63 8.20
C2 3AT G . -1.06 6.40 7.38
N3 3AT G . -0.75 6.04 6.12
C4 3AT G . -1.15 4.83 5.67
PG 3AT H . -9.12 -3.55 3.40
O1G 3AT H . -9.20 -3.74 1.90
O2G 3AT H . -9.70 -4.70 4.20
O3G 3AT H . -9.57 -2.19 3.86
PB 3AT H . -6.38 -3.28 2.66
O1B 3AT H . -6.56 -4.14 1.43
O2B 3AT H . -5.06 -3.35 3.40
O3B 3AT H . -7.54 -3.61 3.73
PA 3AT H . -6.80 -0.56 3.41
O1A 3AT H . -8.16 0.09 3.24
O2A 3AT H . -6.41 -1.14 4.75
O3A 3AT H . -6.69 -1.73 2.29
O5' 3AT H . -5.72 0.57 2.98
C5' 3AT H . -4.65 0.32 2.07
C4' 3AT H . -4.57 1.55 1.16
O4' 3AT H . -5.00 2.72 1.87
C3' 3AT H . -3.17 1.84 0.66
C2' 3AT H . -3.11 3.36 0.59
O2' 3AT H . -3.16 3.71 -0.80
C1' 3AT H . -4.35 3.87 1.33
N9 3AT H . -4.11 4.93 2.37
C8 3AT H . -3.38 6.06 2.17
N7 3AT H . -3.35 6.85 3.28
C5 3AT H . -4.09 6.24 4.22
C6 3AT H . -4.46 6.55 5.62
N6 3AT H . -4.02 7.68 6.22
N1 3AT H . -5.25 5.67 6.28
C2 3AT H . -5.69 4.54 5.68
N3 3AT H . -5.37 4.21 4.41
C4 3AT H . -4.59 4.99 3.63
MG MG I . 0.69 -1.37 -1.21
#